data_2PXA
#
_entry.id   2PXA
#
_cell.length_a   79.423
_cell.length_b   80.280
_cell.length_c   84.814
_cell.angle_alpha   90.00
_cell.angle_beta   90.00
_cell.angle_gamma   90.00
#
_symmetry.space_group_name_H-M   'P 21 21 21'
#
loop_
_entity.id
_entity.type
_entity.pdbx_description
1 polymer 'Genome polyprotein [Contains: Capsid protein C (Core protein); Envelope protein M (Matrix protein); Major envelope protein E; Non-structural protein 1 (NS1); Non-structural protein 2A (NS2A); Flavivirin protease NS2B regulatory subunit; Flavivirin protease NS3 catalytic subunit; Non-structural protein 4A (NS4A); Non-structural protein 4B (NS4B); RNA-directed RNA polymerase (EC 2.7.7.48) (NS5)]'
2 non-polymer "GUANOSINE-5'-TRIPHOSPHATE"
3 non-polymer S-ADENOSYL-L-HOMOCYSTEINE
4 water water
#
_entity_poly.entity_id   1
_entity_poly.type   'polypeptide(L)'
_entity_poly.pdbx_seq_one_letter_code
;GRAGGRTLGEQWKEKLNAMGKEEFFSYRKEAILEVDRTEARRARREGNKVGGHPVSRGTAKLRWLVERRFVQPIGKVVDL
GCGRGGWSYYAATMKNVQEVRGYTKGGPGHEEPMLMQSYGWNIVTMKSGVDVFYKPSEISDTLLCDIGESSPSAEIEEQR
TLRILEMVSDWLSRGPKEFCIKILCPYMPKVIEKLESLQRRFGGGLVRVPLSRNSNHEMYWVSGASGNIVHAVNMTSQVL
IGRMDKKIWKGPKYEEDVNLGSGTRAVGK
;
_entity_poly.pdbx_strand_id   A,B
#
loop_
_chem_comp.id
_chem_comp.type
_chem_comp.name
_chem_comp.formula
GTP non-polymer GUANOSINE-5'-TRIPHOSPHATE 'C10 H16 N5 O14 P3'
#
# COMPACT_ATOMS: atom_id res chain seq x y z
N ARG A 6 31.75 12.71 12.52
CA ARG A 6 30.40 12.57 11.90
C ARG A 6 29.30 13.36 12.62
N THR A 7 28.29 13.74 11.85
CA THR A 7 27.31 14.70 12.33
C THR A 7 26.32 14.11 13.34
N LEU A 8 25.55 14.98 13.99
CA LEU A 8 24.49 14.56 14.91
C LEU A 8 23.37 13.74 14.24
N GLY A 9 23.04 14.11 13.00
CA GLY A 9 22.06 13.35 12.23
C GLY A 9 22.54 11.94 11.98
N GLU A 10 23.81 11.79 11.60
CA GLU A 10 24.41 10.46 11.44
C GLU A 10 24.33 9.67 12.74
N GLN A 11 24.60 10.33 13.85
CA GLN A 11 24.48 9.68 15.17
C GLN A 11 23.04 9.31 15.50
N TRP A 12 22.10 10.19 15.19
CA TRP A 12 20.68 9.89 15.34
C TRP A 12 20.30 8.69 14.52
N LYS A 13 20.76 8.67 13.26
CA LYS A 13 20.44 7.59 12.34
C LYS A 13 20.89 6.23 12.85
N GLU A 14 22.17 6.09 13.16
CA GLU A 14 22.70 4.81 13.66
C GLU A 14 21.99 4.37 14.94
N LYS A 15 21.65 5.35 15.79
CA LYS A 15 20.90 5.12 17.02
C LYS A 15 19.48 4.67 16.70
N LEU A 16 18.87 5.25 15.65
CA LEU A 16 17.55 4.83 15.22
C LEU A 16 17.55 3.36 14.82
N ASN A 17 18.57 2.95 14.06
CA ASN A 17 18.67 1.59 13.54
C ASN A 17 18.99 0.51 14.57
N ALA A 18 19.55 0.88 15.72
CA ALA A 18 19.88 -0.12 16.76
C ALA A 18 18.69 -0.42 17.65
N MET A 19 17.63 0.37 17.54
CA MET A 19 16.42 0.20 18.34
C MET A 19 15.72 -1.10 17.96
N GLY A 20 15.02 -1.67 18.94
CA GLY A 20 14.14 -2.80 18.70
C GLY A 20 12.86 -2.31 18.05
N LYS A 21 12.00 -3.26 17.70
CA LYS A 21 10.74 -2.95 17.04
C LYS A 21 9.78 -2.24 18.01
N GLU A 22 9.67 -2.75 19.23
CA GLU A 22 8.79 -2.14 20.21
C GLU A 22 9.12 -0.68 20.38
N GLU A 23 10.38 -0.39 20.71
CA GLU A 23 10.80 0.98 20.95
C GLU A 23 10.72 1.83 19.69
N PHE A 24 11.07 1.24 18.55
CA PHE A 24 11.04 2.00 17.28
C PHE A 24 9.66 2.57 17.03
N PHE A 25 8.64 1.72 17.19
CA PHE A 25 7.28 2.12 16.90
C PHE A 25 6.77 3.18 17.89
N SER A 26 7.04 3.01 19.18
CA SER A 26 6.73 4.07 20.14
C SER A 26 7.50 5.33 19.74
N TYR A 27 8.80 5.20 19.51
CA TYR A 27 9.68 6.35 19.25
C TYR A 27 9.26 7.21 18.06
N ARG A 28 8.92 6.59 16.94
CA ARG A 28 8.74 7.36 15.71
C ARG A 28 7.57 8.37 15.73
N LYS A 29 6.61 8.16 16.63
CA LYS A 29 5.46 9.07 16.75
C LYS A 29 5.47 9.84 18.06
N GLU A 30 6.58 9.80 18.79
CA GLU A 30 6.70 10.51 20.06
C GLU A 30 6.72 12.04 19.89
N ALA A 31 5.70 12.71 20.43
CA ALA A 31 5.60 14.18 20.47
C ALA A 31 5.50 14.81 19.08
N ILE A 32 5.13 14.02 18.09
CA ILE A 32 4.94 14.56 16.76
C ILE A 32 3.49 14.97 16.58
N LEU A 33 3.27 15.80 15.58
CA LEU A 33 1.94 16.24 15.19
C LEU A 33 1.38 15.17 14.26
N GLU A 34 0.07 14.96 14.30
CA GLU A 34 -0.53 13.83 13.60
C GLU A 34 -1.98 14.12 13.25
N VAL A 35 -2.40 13.69 12.07
CA VAL A 35 -3.79 13.78 11.64
C VAL A 35 -4.43 12.41 11.70
N ASP A 36 -5.68 12.34 12.14
CA ASP A 36 -6.43 11.08 12.19
C ASP A 36 -6.97 10.79 10.79
N ARG A 37 -6.52 9.69 10.19
CA ARG A 37 -6.89 9.31 8.83
C ARG A 37 -8.04 8.30 8.76
N THR A 38 -8.46 7.80 9.92
CA THR A 38 -9.60 6.87 10.01
C THR A 38 -10.74 7.30 9.11
N GLU A 39 -11.12 8.57 9.22
CA GLU A 39 -12.19 9.17 8.45
C GLU A 39 -11.93 9.08 6.94
N ALA A 40 -10.74 9.49 6.52
CA ALA A 40 -10.35 9.42 5.12
C ALA A 40 -10.48 8.00 4.59
N ARG A 41 -9.74 7.07 5.20
CA ARG A 41 -9.67 5.68 4.72
C ARG A 41 -10.98 4.93 4.90
N ARG A 42 -11.78 5.35 5.88
CA ARG A 42 -13.10 4.78 6.12
C ARG A 42 -14.18 5.48 5.27
N ALA A 43 -13.73 6.20 4.25
CA ALA A 43 -14.61 6.79 3.23
C ALA A 43 -14.01 6.59 1.84
N ARG A 44 -13.51 5.38 1.59
CA ARG A 44 -13.06 4.95 0.27
C ARG A 44 -14.19 4.10 -0.33
N ARG A 45 -14.50 3.00 0.35
CA ARG A 45 -15.55 2.07 -0.08
C ARG A 45 -16.92 2.73 -0.16
N GLU A 46 -17.10 3.79 0.64
CA GLU A 46 -18.36 4.53 0.65
C GLU A 46 -18.55 5.36 -0.63
N GLY A 47 -17.51 5.41 -1.46
CA GLY A 47 -17.62 5.93 -2.83
C GLY A 47 -17.89 7.43 -2.82
N ASN A 48 -17.05 8.15 -2.07
CA ASN A 48 -17.22 9.57 -1.88
C ASN A 48 -15.98 10.31 -2.37
N LYS A 49 -16.13 11.04 -3.47
CA LYS A 49 -15.05 11.83 -4.06
C LYS A 49 -15.06 13.28 -3.57
N VAL A 50 -16.13 13.67 -2.86
CA VAL A 50 -16.43 15.08 -2.56
C VAL A 50 -16.58 15.41 -1.06
N GLY A 51 -16.07 14.54 -0.19
CA GLY A 51 -16.13 14.77 1.26
C GLY A 51 -15.01 15.62 1.82
N GLY A 52 -14.13 16.10 0.93
CA GLY A 52 -13.02 16.94 1.35
C GLY A 52 -11.89 16.17 2.02
N HIS A 53 -11.98 14.85 2.03
CA HIS A 53 -10.99 14.00 2.69
C HIS A 53 -9.76 13.90 1.79
N PRO A 54 -8.61 14.43 2.25
CA PRO A 54 -7.40 14.34 1.41
C PRO A 54 -7.03 12.89 1.03
N VAL A 55 -6.30 12.75 -0.08
CA VAL A 55 -5.92 11.41 -0.55
C VAL A 55 -4.75 10.86 0.24
N SER A 56 -4.03 11.74 0.91
CA SER A 56 -2.83 11.37 1.66
C SER A 56 -2.65 12.23 2.91
N ARG A 57 -1.60 11.94 3.67
CA ARG A 57 -1.17 12.76 4.80
C ARG A 57 -0.34 13.95 4.32
N GLY A 58 0.20 13.83 3.10
CA GLY A 58 0.96 14.90 2.46
C GLY A 58 0.26 16.24 2.37
N THR A 59 -1.06 16.25 2.25
CA THR A 59 -1.78 17.52 2.21
C THR A 59 -1.52 18.37 3.48
N ALA A 60 -1.70 17.75 4.65
CA ALA A 60 -1.49 18.43 5.93
C ALA A 60 -0.07 18.97 6.08
N LYS A 61 0.91 18.25 5.56
CA LYS A 61 2.28 18.73 5.53
C LYS A 61 2.43 19.99 4.71
N LEU A 62 1.84 19.99 3.51
CA LEU A 62 1.90 21.17 2.64
C LEU A 62 1.14 22.32 3.25
N ARG A 63 -0.01 22.05 3.88
CA ARG A 63 -0.78 23.10 4.54
C ARG A 63 0.04 23.77 5.63
N TRP A 64 0.67 22.97 6.49
CA TRP A 64 1.50 23.52 7.56
C TRP A 64 2.52 24.53 7.00
N LEU A 65 3.14 24.20 5.87
CA LEU A 65 4.09 25.09 5.24
C LEU A 65 3.40 26.33 4.64
N VAL A 66 2.31 26.12 3.93
CA VAL A 66 1.60 27.21 3.26
C VAL A 66 1.02 28.21 4.24
N GLU A 67 0.33 27.70 5.25
CA GLU A 67 -0.18 28.47 6.38
C GLU A 67 0.85 29.40 6.99
N ARG A 68 2.10 28.97 7.04
CA ARG A 68 3.18 29.76 7.61
C ARG A 68 4.00 30.54 6.60
N ARG A 69 3.52 30.59 5.35
CA ARG A 69 4.12 31.46 4.33
C ARG A 69 5.52 31.00 3.93
N PHE A 70 5.84 29.72 4.12
CA PHE A 70 7.12 29.15 3.64
C PHE A 70 7.12 28.86 2.14
N VAL A 71 5.92 28.73 1.57
CA VAL A 71 5.72 28.71 0.13
C VAL A 71 4.32 29.22 -0.15
N GLN A 72 4.16 29.95 -1.24
CA GLN A 72 2.87 30.54 -1.60
C GLN A 72 2.51 30.23 -3.05
N PRO A 73 1.90 29.05 -3.29
CA PRO A 73 1.57 28.61 -4.63
C PRO A 73 0.88 29.68 -5.46
N ILE A 74 1.26 29.73 -6.73
CA ILE A 74 0.78 30.75 -7.65
C ILE A 74 1.04 30.27 -9.09
N GLY A 75 0.19 30.70 -10.02
CA GLY A 75 0.38 30.45 -11.45
C GLY A 75 0.32 28.99 -11.87
N LYS A 76 1.23 28.59 -12.74
CA LYS A 76 1.39 27.19 -13.08
C LYS A 76 2.20 26.48 -11.99
N VAL A 77 1.55 25.53 -11.32
CA VAL A 77 2.20 24.69 -10.32
C VAL A 77 2.61 23.37 -10.97
N VAL A 78 3.88 23.01 -10.83
CA VAL A 78 4.37 21.68 -11.21
C VAL A 78 4.65 20.89 -9.93
N ASP A 79 4.02 19.72 -9.77
CA ASP A 79 4.21 18.85 -8.60
C ASP A 79 4.94 17.56 -8.99
N LEU A 80 6.22 17.49 -8.61
CA LEU A 80 7.12 16.39 -9.02
C LEU A 80 7.00 15.29 -7.99
N GLY A 81 6.75 14.07 -8.47
CA GLY A 81 6.43 12.93 -7.61
C GLY A 81 5.15 13.21 -6.84
N CYS A 82 4.08 13.46 -7.57
CA CYS A 82 2.79 13.81 -6.96
C CYS A 82 2.12 12.65 -6.21
N GLY A 83 2.49 11.42 -6.57
CA GLY A 83 1.87 10.22 -6.03
C GLY A 83 0.37 10.23 -6.23
N ARG A 84 -0.37 10.01 -5.15
CA ARG A 84 -1.85 10.07 -5.13
C ARG A 84 -2.41 11.46 -5.44
N GLY A 85 -1.73 12.51 -4.98
CA GLY A 85 -2.12 13.89 -5.31
C GLY A 85 -2.39 14.84 -4.15
N GLY A 86 -2.08 14.42 -2.92
CA GLY A 86 -2.26 15.28 -1.75
C GLY A 86 -1.83 16.71 -1.97
N TRP A 87 -0.62 16.89 -2.51
CA TRP A 87 -0.06 18.22 -2.76
C TRP A 87 -0.71 18.89 -3.94
N SER A 88 -0.94 18.15 -5.03
CA SER A 88 -1.54 18.73 -6.24
C SER A 88 -2.97 19.25 -6.00
N TYR A 89 -3.76 18.48 -5.26
CA TYR A 89 -5.14 18.87 -4.98
C TYR A 89 -5.20 19.97 -3.96
N TYR A 90 -4.22 20.02 -3.05
CA TYR A 90 -4.22 21.09 -2.07
C TYR A 90 -3.96 22.42 -2.75
N ALA A 91 -2.91 22.47 -3.55
CA ALA A 91 -2.62 23.61 -4.42
C ALA A 91 -3.84 24.06 -5.23
N ALA A 92 -4.56 23.10 -5.80
CA ALA A 92 -5.70 23.38 -6.67
C ALA A 92 -6.81 24.18 -5.97
N THR A 93 -6.91 24.09 -4.65
CA THR A 93 -7.93 24.83 -3.91
C THR A 93 -7.64 26.34 -3.77
N MET A 94 -6.41 26.76 -4.08
CA MET A 94 -5.93 28.12 -3.80
C MET A 94 -6.15 29.04 -4.99
N LYS A 95 -6.58 30.28 -4.72
CA LYS A 95 -7.05 31.19 -5.77
C LYS A 95 -5.97 31.79 -6.68
N ASN A 96 -4.74 31.85 -6.18
CA ASN A 96 -3.62 32.33 -7.01
C ASN A 96 -3.11 31.26 -7.98
N VAL A 97 -3.49 30.01 -7.73
CA VAL A 97 -3.12 28.91 -8.62
C VAL A 97 -4.02 28.86 -9.85
N GLN A 98 -3.40 28.95 -11.02
CA GLN A 98 -4.11 28.91 -12.31
C GLN A 98 -4.13 27.51 -12.90
N GLU A 99 -3.12 26.71 -12.60
CA GLU A 99 -2.95 25.38 -13.18
C GLU A 99 -2.04 24.52 -12.29
N VAL A 100 -2.36 23.24 -12.22
CA VAL A 100 -1.56 22.31 -11.45
C VAL A 100 -1.23 21.13 -12.33
N ARG A 101 0.07 20.90 -12.53
CA ARG A 101 0.55 19.77 -13.31
C ARG A 101 1.39 18.85 -12.46
N GLY A 102 0.91 17.62 -12.27
CA GLY A 102 1.61 16.63 -11.44
C GLY A 102 2.28 15.57 -12.27
N TYR A 103 3.41 15.07 -11.78
CA TYR A 103 4.10 13.96 -12.43
C TYR A 103 4.57 12.96 -11.39
N THR A 104 4.30 11.68 -11.63
CA THR A 104 4.76 10.65 -10.72
C THR A 104 5.08 9.41 -11.54
N LYS A 105 5.88 8.52 -10.98
CA LYS A 105 6.33 7.35 -11.72
C LYS A 105 5.24 6.28 -11.75
N GLY A 106 4.63 6.02 -10.61
CA GLY A 106 3.61 4.98 -10.51
C GLY A 106 4.21 3.61 -10.79
N GLY A 107 3.34 2.64 -11.01
CA GLY A 107 3.77 1.28 -11.28
C GLY A 107 3.95 0.47 -10.00
N PRO A 108 4.53 -0.73 -10.12
CA PRO A 108 4.63 -1.64 -8.99
C PRO A 108 5.27 -1.02 -7.75
N GLY A 109 4.57 -1.12 -6.63
CA GLY A 109 5.05 -0.59 -5.37
C GLY A 109 5.24 0.92 -5.30
N HIS A 110 4.53 1.67 -6.13
CA HIS A 110 4.51 3.14 -6.04
C HIS A 110 3.10 3.64 -6.27
N GLU A 111 2.74 4.73 -5.60
CA GLU A 111 1.37 5.26 -5.71
C GLU A 111 1.08 5.83 -7.08
N GLU A 112 -0.15 5.60 -7.54
CA GLU A 112 -0.66 6.26 -8.72
C GLU A 112 -1.54 7.43 -8.29
N PRO A 113 -1.81 8.37 -9.20
CA PRO A 113 -2.75 9.46 -8.95
C PRO A 113 -4.19 8.97 -8.78
N MET A 114 -4.73 9.16 -7.57
CA MET A 114 -6.14 8.83 -7.28
C MET A 114 -7.08 9.91 -7.81
N LEU A 115 -8.25 9.49 -8.25
CA LEU A 115 -9.33 10.41 -8.63
C LEU A 115 -9.97 10.99 -7.38
N MET A 116 -10.07 12.31 -7.34
CA MET A 116 -10.85 13.00 -6.33
C MET A 116 -11.56 14.17 -6.97
N GLN A 117 -12.63 14.64 -6.32
CA GLN A 117 -13.34 15.81 -6.78
C GLN A 117 -13.35 16.89 -5.69
N SER A 118 -12.16 17.23 -5.21
CA SER A 118 -11.96 18.31 -4.25
C SER A 118 -12.08 19.66 -4.94
N TYR A 119 -12.17 20.73 -4.16
CA TYR A 119 -12.37 22.07 -4.73
C TYR A 119 -11.28 22.39 -5.76
N GLY A 120 -11.72 22.61 -7.00
CA GLY A 120 -10.81 22.97 -8.09
C GLY A 120 -10.03 21.81 -8.69
N TRP A 121 -10.41 20.58 -8.37
CA TRP A 121 -9.85 19.38 -9.01
C TRP A 121 -9.71 19.58 -10.54
N ASN A 122 -10.64 20.35 -11.13
CA ASN A 122 -10.67 20.54 -12.60
C ASN A 122 -9.42 21.16 -13.22
N ILE A 123 -8.64 21.92 -12.46
CA ILE A 123 -7.36 22.45 -12.97
C ILE A 123 -6.16 21.53 -12.68
N VAL A 124 -6.44 20.29 -12.24
CA VAL A 124 -5.40 19.32 -11.90
C VAL A 124 -5.27 18.30 -13.02
N THR A 125 -4.03 18.15 -13.50
CA THR A 125 -3.70 17.09 -14.44
C THR A 125 -2.49 16.38 -13.87
N MET A 126 -2.65 15.09 -13.58
CA MET A 126 -1.60 14.25 -12.99
C MET A 126 -1.29 13.14 -13.95
N LYS A 127 -0.03 13.05 -14.37
CA LYS A 127 0.40 11.98 -15.27
C LYS A 127 1.28 10.97 -14.53
N SER A 128 0.83 9.72 -14.54
CA SER A 128 1.61 8.59 -14.02
C SER A 128 2.54 8.07 -15.12
N GLY A 129 3.46 7.17 -14.74
CA GLY A 129 4.38 6.55 -15.69
C GLY A 129 5.44 7.53 -16.17
N VAL A 130 5.76 8.50 -15.32
CA VAL A 130 6.72 9.55 -15.63
C VAL A 130 7.83 9.55 -14.58
N ASP A 131 9.04 9.12 -14.98
CA ASP A 131 10.24 9.25 -14.16
C ASP A 131 10.81 10.64 -14.32
N VAL A 132 10.72 11.47 -13.28
CA VAL A 132 11.13 12.87 -13.40
C VAL A 132 12.62 13.04 -13.62
N PHE A 133 13.39 12.00 -13.34
CA PHE A 133 14.81 12.04 -13.60
C PHE A 133 15.11 12.18 -15.10
N TYR A 134 14.16 11.75 -15.94
CA TYR A 134 14.31 11.82 -17.40
C TYR A 134 13.15 12.58 -18.06
N LYS A 135 12.49 13.48 -17.34
CA LYS A 135 11.47 14.36 -17.91
C LYS A 135 12.10 15.72 -18.21
N PRO A 136 12.11 16.16 -19.49
CA PRO A 136 12.56 17.52 -19.70
C PRO A 136 11.81 18.54 -18.81
N SER A 137 12.54 19.53 -18.31
CA SER A 137 11.94 20.53 -17.44
C SER A 137 10.99 21.42 -18.22
N GLU A 138 10.11 22.06 -17.50
CA GLU A 138 9.12 22.95 -18.09
C GLU A 138 9.08 24.16 -17.18
N ILE A 139 8.71 25.30 -17.76
CA ILE A 139 8.57 26.53 -17.01
C ILE A 139 7.37 26.42 -16.06
N SER A 140 7.55 26.89 -14.84
CA SER A 140 6.52 26.87 -13.82
C SER A 140 6.70 28.10 -12.97
N ASP A 141 5.64 28.47 -12.26
CA ASP A 141 5.70 29.59 -11.31
C ASP A 141 5.91 29.04 -9.91
N THR A 142 5.33 27.87 -9.65
CA THR A 142 5.51 27.14 -8.38
C THR A 142 6.01 25.73 -8.65
N LEU A 143 7.15 25.39 -8.08
CA LEU A 143 7.70 24.05 -8.22
C LEU A 143 7.62 23.33 -6.88
N LEU A 144 6.91 22.22 -6.89
CA LEU A 144 6.80 21.34 -5.71
C LEU A 144 7.42 20.01 -6.08
N CYS A 145 8.12 19.42 -5.10
CA CYS A 145 8.80 18.14 -5.27
C CYS A 145 8.87 17.39 -3.93
N ASP A 146 8.29 16.20 -3.86
CA ASP A 146 8.20 15.46 -2.59
C ASP A 146 8.75 14.04 -2.73
N ILE A 147 9.88 13.92 -3.40
CA ILE A 147 10.50 12.63 -3.70
C ILE A 147 11.61 12.31 -2.71
N GLY A 148 11.69 11.05 -2.29
CA GLY A 148 12.78 10.63 -1.42
C GLY A 148 12.46 9.36 -0.66
N GLU A 149 13.07 8.27 -1.09
CA GLU A 149 12.82 6.97 -0.51
C GLU A 149 13.80 6.70 0.62
N SER A 150 13.28 6.47 1.82
CA SER A 150 14.11 6.20 2.96
C SER A 150 14.91 4.92 2.75
N SER A 151 16.02 4.81 3.48
CA SER A 151 16.79 3.60 3.56
C SER A 151 17.46 3.60 4.92
N PRO A 152 17.65 2.41 5.51
CA PRO A 152 18.45 2.35 6.75
C PRO A 152 19.88 2.90 6.60
N SER A 153 20.39 2.90 5.38
CA SER A 153 21.73 3.44 5.09
C SER A 153 21.69 4.92 4.73
N ALA A 154 22.33 5.72 5.59
CA ALA A 154 22.57 7.14 5.41
C ALA A 154 23.24 7.46 4.07
N GLU A 155 24.20 6.62 3.71
CA GLU A 155 24.92 6.74 2.44
C GLU A 155 23.99 6.62 1.22
N ILE A 156 23.05 5.67 1.26
CA ILE A 156 22.05 5.54 0.18
C ILE A 156 21.13 6.77 0.15
N GLU A 157 20.64 7.20 1.31
CA GLU A 157 19.77 8.36 1.35
C GLU A 157 20.51 9.60 0.85
N GLU A 158 21.81 9.66 1.13
CA GLU A 158 22.69 10.74 0.64
C GLU A 158 22.79 10.73 -0.89
N GLN A 159 23.02 9.56 -1.48
CA GLN A 159 23.13 9.48 -2.93
C GLN A 159 21.80 9.80 -3.59
N ARG A 160 20.73 9.34 -2.96
CA ARG A 160 19.37 9.60 -3.44
C ARG A 160 19.01 11.08 -3.40
N THR A 161 19.35 11.70 -2.27
CA THR A 161 19.14 13.11 -2.07
C THR A 161 19.92 13.92 -3.08
N LEU A 162 21.20 13.60 -3.24
CA LEU A 162 22.06 14.32 -4.18
C LEU A 162 21.53 14.23 -5.59
N ARG A 163 21.05 13.06 -5.97
CA ARG A 163 20.47 12.85 -7.31
C ARG A 163 19.24 13.74 -7.52
N ILE A 164 18.39 13.83 -6.50
CA ILE A 164 17.17 14.65 -6.55
C ILE A 164 17.50 16.16 -6.65
N LEU A 165 18.57 16.55 -5.96
CA LEU A 165 19.00 17.93 -5.96
C LEU A 165 19.57 18.32 -7.30
N GLU A 166 20.07 17.33 -8.05
CA GLU A 166 20.53 17.55 -9.43
C GLU A 166 19.38 17.97 -10.34
N MET A 167 18.30 17.21 -10.36
CA MET A 167 17.24 17.51 -11.32
C MET A 167 16.37 18.68 -10.88
N VAL A 168 16.18 18.83 -9.58
CA VAL A 168 15.38 19.97 -9.09
C VAL A 168 15.98 21.25 -9.64
N SER A 169 17.31 21.33 -9.59
CA SER A 169 18.07 22.48 -10.06
C SER A 169 17.69 22.86 -11.50
N ASP A 170 17.51 21.85 -12.34
CA ASP A 170 17.08 22.08 -13.72
C ASP A 170 15.73 22.77 -13.82
N TRP A 171 14.78 22.38 -12.96
CA TRP A 171 13.42 22.94 -12.98
C TRP A 171 13.42 24.34 -12.39
N LEU A 172 14.27 24.55 -11.39
CA LEU A 172 14.41 25.85 -10.75
C LEU A 172 15.08 26.86 -11.67
N SER A 173 16.02 26.40 -12.50
CA SER A 173 16.62 27.26 -13.55
C SER A 173 15.61 27.78 -14.60
N ARG A 174 14.39 27.26 -14.64
CA ARG A 174 13.35 27.76 -15.57
C ARG A 174 12.51 28.94 -15.03
N GLY A 175 12.83 29.42 -13.82
CA GLY A 175 12.21 30.62 -13.28
C GLY A 175 11.32 30.57 -12.04
N PRO A 176 10.88 29.39 -11.60
CA PRO A 176 9.91 29.45 -10.50
C PRO A 176 10.49 30.09 -9.24
N LYS A 177 9.77 31.04 -8.67
CA LYS A 177 10.22 31.72 -7.48
C LYS A 177 9.55 31.18 -6.22
N GLU A 178 8.47 30.40 -6.39
CA GLU A 178 7.85 29.68 -5.28
C GLU A 178 8.28 28.24 -5.43
N PHE A 179 8.82 27.67 -4.36
CA PHE A 179 9.26 26.28 -4.42
C PHE A 179 9.25 25.60 -3.05
N CYS A 180 9.07 24.28 -3.08
CA CYS A 180 9.00 23.43 -1.88
C CYS A 180 9.50 22.05 -2.23
N ILE A 181 10.76 21.78 -1.86
CA ILE A 181 11.44 20.54 -2.23
C ILE A 181 11.77 19.73 -0.98
N LYS A 182 11.30 18.50 -0.93
CA LYS A 182 11.66 17.57 0.13
C LYS A 182 13.16 17.21 0.09
N ILE A 183 13.83 17.30 1.23
CA ILE A 183 15.24 16.91 1.36
C ILE A 183 15.32 15.68 2.28
N LEU A 184 15.47 14.50 1.68
CA LEU A 184 15.40 13.26 2.44
C LEU A 184 16.41 13.24 3.57
N CYS A 185 17.67 13.52 3.22
CA CYS A 185 18.79 13.32 4.14
C CYS A 185 19.63 14.60 4.21
N PRO A 186 19.12 15.60 4.93
CA PRO A 186 19.78 16.91 4.95
C PRO A 186 21.04 16.95 5.80
N TYR A 187 21.35 15.87 6.51
CA TYR A 187 22.40 15.90 7.53
C TYR A 187 23.75 15.35 7.06
N MET A 188 23.79 14.69 5.90
CA MET A 188 25.05 14.22 5.35
C MET A 188 25.80 15.40 4.72
N PRO A 189 27.12 15.51 4.99
CA PRO A 189 27.95 16.64 4.58
C PRO A 189 27.89 17.03 3.11
N LYS A 190 27.94 16.05 2.22
CA LYS A 190 27.89 16.32 0.79
C LYS A 190 26.56 16.98 0.44
N VAL A 191 25.50 16.56 1.13
CA VAL A 191 24.16 17.13 0.90
C VAL A 191 24.13 18.59 1.37
N ILE A 192 24.68 18.84 2.56
CA ILE A 192 24.82 20.20 3.10
C ILE A 192 25.55 21.13 2.11
N GLU A 193 26.63 20.63 1.54
CA GLU A 193 27.45 21.38 0.58
C GLU A 193 26.70 21.76 -0.71
N LYS A 194 25.96 20.82 -1.28
CA LYS A 194 25.11 21.09 -2.46
C LYS A 194 23.98 22.06 -2.11
N LEU A 195 23.40 21.91 -0.91
CA LEU A 195 22.31 22.77 -0.45
C LEU A 195 22.74 24.21 -0.23
N GLU A 196 23.94 24.41 0.33
CA GLU A 196 24.48 25.76 0.50
C GLU A 196 24.64 26.41 -0.87
N SER A 197 25.17 25.67 -1.83
CA SER A 197 25.33 26.15 -3.20
C SER A 197 23.97 26.50 -3.84
N LEU A 198 23.01 25.60 -3.73
CA LEU A 198 21.68 25.82 -4.29
C LEU A 198 20.95 27.00 -3.61
N GLN A 199 21.15 27.18 -2.30
CA GLN A 199 20.58 28.31 -1.54
C GLN A 199 21.19 29.62 -2.01
N ARG A 200 22.51 29.61 -2.17
CA ARG A 200 23.26 30.74 -2.71
C ARG A 200 22.64 31.21 -4.02
N ARG A 201 22.21 30.25 -4.84
CA ARG A 201 21.70 30.54 -6.16
C ARG A 201 20.19 30.79 -6.23
N PHE A 202 19.40 29.97 -5.52
CA PHE A 202 17.93 30.07 -5.58
C PHE A 202 17.25 30.60 -4.29
N GLY A 203 18.03 30.83 -3.24
CA GLY A 203 17.50 31.38 -2.00
C GLY A 203 16.83 30.31 -1.16
N GLY A 204 15.86 30.72 -0.34
CA GLY A 204 15.09 29.80 0.48
C GLY A 204 15.84 29.30 1.70
N GLY A 205 15.22 28.34 2.39
CA GLY A 205 15.86 27.68 3.53
C GLY A 205 15.27 26.31 3.79
N LEU A 206 15.78 25.65 4.83
CA LEU A 206 15.29 24.32 5.22
C LEU A 206 14.44 24.43 6.44
N VAL A 207 13.31 23.72 6.42
CA VAL A 207 12.35 23.77 7.49
C VAL A 207 11.89 22.35 7.83
N ARG A 208 11.73 22.10 9.13
CA ARG A 208 11.24 20.81 9.61
C ARG A 208 9.76 20.97 9.88
N VAL A 209 8.97 20.08 9.28
CA VAL A 209 7.53 20.04 9.48
C VAL A 209 7.24 19.06 10.63
N PRO A 210 6.51 19.51 11.66
CA PRO A 210 6.33 18.69 12.87
C PRO A 210 5.41 17.48 12.66
N LEU A 211 4.87 17.34 11.45
CA LEU A 211 4.07 16.20 11.08
C LEU A 211 4.96 15.06 10.62
N SER A 212 6.21 15.35 10.33
CA SER A 212 7.16 14.31 9.97
C SER A 212 7.44 13.43 11.20
N ARG A 213 7.55 12.12 10.96
CA ARG A 213 7.80 11.15 12.03
C ARG A 213 9.26 11.19 12.46
N ASN A 214 9.52 10.83 13.71
CA ASN A 214 10.90 10.86 14.27
C ASN A 214 11.85 9.84 13.63
N SER A 215 11.27 8.87 12.91
CA SER A 215 12.03 7.85 12.22
C SER A 215 12.65 8.38 10.91
N ASN A 216 12.36 9.64 10.60
CA ASN A 216 12.97 10.29 9.44
C ASN A 216 13.41 11.72 9.75
N HIS A 217 14.40 12.19 9.00
CA HIS A 217 15.07 13.47 9.23
C HIS A 217 14.72 14.44 8.10
N GLU A 218 13.72 14.10 7.30
CA GLU A 218 13.36 14.91 6.16
C GLU A 218 13.08 16.35 6.56
N MET A 219 13.63 17.27 5.77
CA MET A 219 13.35 18.67 5.85
C MET A 219 12.95 19.19 4.48
N TYR A 220 12.23 20.31 4.46
CA TYR A 220 11.75 20.90 3.22
C TYR A 220 12.48 22.17 2.90
N TRP A 221 13.12 22.17 1.74
CA TRP A 221 13.76 23.36 1.18
C TRP A 221 12.69 24.28 0.59
N VAL A 222 12.42 25.40 1.26
CA VAL A 222 11.27 26.24 0.89
C VAL A 222 11.70 27.68 0.53
N SER A 223 11.08 28.25 -0.50
CA SER A 223 11.44 29.58 -0.97
C SER A 223 11.19 30.66 0.07
N GLY A 224 10.19 30.42 0.93
CA GLY A 224 9.79 31.39 1.93
C GLY A 224 10.60 31.35 3.20
N ALA A 225 11.57 30.42 3.30
CA ALA A 225 12.44 30.36 4.48
C ALA A 225 13.77 31.04 4.21
N SER A 226 14.55 31.24 5.27
CA SER A 226 15.89 31.80 5.20
C SER A 226 16.74 31.26 6.31
N GLY A 227 18.04 31.47 6.21
CA GLY A 227 18.93 31.18 7.32
C GLY A 227 19.91 30.06 7.08
N ASN A 228 20.78 29.90 8.07
CA ASN A 228 21.88 28.95 8.04
C ASN A 228 21.37 27.51 8.08
N ILE A 229 21.69 26.79 7.01
CA ILE A 229 21.27 25.40 6.82
C ILE A 229 21.85 24.48 7.89
N VAL A 230 23.16 24.53 8.08
CA VAL A 230 23.85 23.69 9.05
C VAL A 230 23.13 23.75 10.39
N HIS A 231 22.91 24.98 10.86
CA HIS A 231 22.24 25.23 12.13
C HIS A 231 20.81 24.66 12.16
N ALA A 232 20.05 24.91 11.09
CA ALA A 232 18.69 24.39 11.00
C ALA A 232 18.69 22.88 11.12
N VAL A 233 19.65 22.24 10.44
CA VAL A 233 19.75 20.77 10.39
C VAL A 233 20.13 20.21 11.75
N ASN A 234 21.07 20.86 12.42
CA ASN A 234 21.50 20.39 13.74
C ASN A 234 20.41 20.50 14.78
N MET A 235 19.65 21.59 14.71
CA MET A 235 18.52 21.81 15.59
C MET A 235 17.53 20.66 15.46
N THR A 236 17.22 20.28 14.23
CA THR A 236 16.33 19.14 13.99
C THR A 236 16.92 17.83 14.51
N SER A 237 18.20 17.59 14.23
CA SER A 237 18.87 16.41 14.77
C SER A 237 18.77 16.33 16.32
N GLN A 238 19.02 17.46 17.00
CA GLN A 238 18.96 17.54 18.47
C GLN A 238 17.54 17.25 19.01
N VAL A 239 16.52 17.82 18.36
CA VAL A 239 15.13 17.55 18.74
C VAL A 239 14.83 16.06 18.61
N LEU A 240 15.24 15.47 17.49
CA LEU A 240 15.02 14.06 17.21
C LEU A 240 15.73 13.14 18.20
N ILE A 241 16.96 13.51 18.57
CA ILE A 241 17.71 12.76 19.58
C ILE A 241 17.10 12.98 20.97
N GLY A 242 16.65 14.20 21.24
CA GLY A 242 16.01 14.52 22.52
C GLY A 242 14.78 13.69 22.80
N ARG A 243 14.15 13.17 21.75
CA ARG A 243 12.94 12.37 21.89
C ARG A 243 13.23 10.90 22.09
N MET A 244 14.51 10.53 22.13
CA MET A 244 14.91 9.16 22.35
C MET A 244 15.00 8.81 23.83
N ASP A 245 15.04 7.50 24.09
CA ASP A 245 15.40 6.96 25.39
C ASP A 245 14.37 7.35 26.47
N LYS A 246 13.13 7.58 26.06
CA LYS A 246 12.08 7.97 27.01
C LYS A 246 11.63 6.75 27.82
N LYS A 247 11.34 6.97 29.09
CA LYS A 247 10.83 5.94 29.96
C LYS A 247 9.33 5.75 29.72
N ILE A 248 8.61 6.88 29.62
CA ILE A 248 7.19 6.90 29.29
C ILE A 248 6.98 7.51 27.89
N TRP A 249 6.43 6.72 26.99
CA TRP A 249 6.12 7.19 25.65
C TRP A 249 4.72 7.82 25.64
N LYS A 250 4.68 9.16 25.56
CA LYS A 250 3.42 9.90 25.64
C LYS A 250 2.68 9.97 24.30
N GLY A 251 3.32 9.51 23.23
CA GLY A 251 2.67 9.44 21.93
C GLY A 251 2.58 10.78 21.25
N PRO A 252 1.92 10.80 20.08
CA PRO A 252 1.74 12.03 19.32
C PRO A 252 0.54 12.88 19.74
N LYS A 253 0.50 14.09 19.20
CA LYS A 253 -0.58 15.04 19.42
C LYS A 253 -1.36 15.09 18.11
N TYR A 254 -2.69 15.03 18.22
CA TYR A 254 -3.54 14.90 17.05
C TYR A 254 -4.15 16.23 16.59
N GLU A 255 -4.27 16.34 15.28
CA GLU A 255 -4.72 17.55 14.57
C GLU A 255 -5.90 17.12 13.69
N GLU A 256 -6.89 17.99 13.50
CA GLU A 256 -7.95 17.67 12.54
C GLU A 256 -7.36 17.81 11.13
N ASP A 257 -7.61 16.82 10.28
CA ASP A 257 -7.13 16.84 8.91
C ASP A 257 -7.72 18.04 8.15
N VAL A 258 -7.11 18.38 7.03
CA VAL A 258 -7.64 19.45 6.17
C VAL A 258 -8.97 19.02 5.49
N ASN A 259 -9.86 19.98 5.32
CA ASN A 259 -11.10 19.81 4.57
C ASN A 259 -10.95 20.48 3.21
N LEU A 260 -10.79 19.69 2.16
CA LEU A 260 -10.50 20.22 0.82
C LEU A 260 -11.77 20.52 0.03
N GLY A 261 -12.93 20.19 0.60
CA GLY A 261 -14.23 20.50 0.01
C GLY A 261 -14.46 19.81 -1.32
N SER A 262 -15.21 20.48 -2.19
CA SER A 262 -15.57 19.93 -3.51
C SER A 262 -15.98 21.03 -4.48
N GLY A 263 -16.31 20.63 -5.71
CA GLY A 263 -16.76 21.55 -6.75
C GLY A 263 -15.65 21.90 -7.70
N THR A 264 -15.85 22.95 -8.50
CA THR A 264 -14.90 23.37 -9.51
C THR A 264 -14.63 24.88 -9.44
N ARG A 265 -13.59 25.34 -10.12
CA ARG A 265 -13.33 26.78 -10.23
C ARG A 265 -12.84 27.16 -11.63
N ALA A 266 -13.25 28.34 -12.08
CA ALA A 266 -13.00 28.81 -13.44
C ALA A 266 -11.82 29.78 -13.49
N VAL A 267 -10.65 29.26 -13.85
CA VAL A 267 -9.42 30.05 -13.96
C VAL A 267 -8.66 29.68 -15.23
N ARG B 6 -31.72 -15.31 10.84
CA ARG B 6 -30.64 -15.36 9.80
C ARG B 6 -29.51 -16.33 10.18
N THR B 7 -28.65 -16.59 9.19
CA THR B 7 -27.53 -17.54 9.35
C THR B 7 -26.50 -17.09 10.41
N LEU B 8 -25.72 -18.06 10.87
CA LEU B 8 -24.71 -17.83 11.90
C LEU B 8 -23.68 -16.79 11.42
N GLY B 9 -23.32 -16.86 10.13
CA GLY B 9 -22.36 -15.94 9.51
C GLY B 9 -22.80 -14.49 9.48
N GLU B 10 -24.09 -14.28 9.19
CA GLU B 10 -24.71 -12.96 9.24
C GLU B 10 -24.70 -12.36 10.64
N GLN B 11 -24.94 -13.20 11.65
CA GLN B 11 -24.83 -12.78 13.06
C GLN B 11 -23.39 -12.39 13.38
N TRP B 12 -22.44 -13.19 12.89
CA TRP B 12 -21.02 -12.89 13.07
C TRP B 12 -20.64 -11.49 12.51
N LYS B 13 -21.05 -11.24 11.27
CA LYS B 13 -20.70 -9.99 10.56
C LYS B 13 -21.25 -8.76 11.29
N GLU B 14 -22.46 -8.89 11.82
CA GLU B 14 -23.14 -7.84 12.56
C GLU B 14 -22.39 -7.54 13.86
N LYS B 15 -22.00 -8.60 14.57
CA LYS B 15 -21.14 -8.47 15.76
C LYS B 15 -19.77 -7.92 15.44
N LEU B 16 -19.24 -8.27 14.28
CA LEU B 16 -17.95 -7.73 13.82
C LEU B 16 -18.07 -6.20 13.70
N ASN B 17 -19.09 -5.77 12.96
CA ASN B 17 -19.35 -4.34 12.71
C ASN B 17 -19.72 -3.52 13.95
N ALA B 18 -20.16 -4.18 15.03
CA ALA B 18 -20.51 -3.50 16.29
C ALA B 18 -19.31 -3.25 17.18
N MET B 19 -18.19 -3.91 16.88
CA MET B 19 -16.97 -3.73 17.64
C MET B 19 -16.40 -2.32 17.45
N GLY B 20 -15.92 -1.74 18.55
CA GLY B 20 -15.10 -0.55 18.47
C GLY B 20 -13.79 -0.87 17.78
N LYS B 21 -13.02 0.17 17.51
CA LYS B 21 -11.78 0.10 16.75
C LYS B 21 -10.75 -0.84 17.38
N GLU B 22 -10.46 -0.62 18.66
CA GLU B 22 -9.42 -1.37 19.37
C GLU B 22 -9.78 -2.84 19.52
N GLU B 23 -11.05 -3.13 19.83
CA GLU B 23 -11.50 -4.51 19.88
C GLU B 23 -11.47 -5.19 18.50
N PHE B 24 -11.77 -4.43 17.46
CA PHE B 24 -11.65 -4.95 16.10
C PHE B 24 -10.22 -5.43 15.81
N PHE B 25 -9.22 -4.59 16.09
CA PHE B 25 -7.83 -4.93 15.78
C PHE B 25 -7.33 -6.13 16.60
N SER B 26 -7.71 -6.18 17.87
CA SER B 26 -7.42 -7.32 18.72
C SER B 26 -8.13 -8.60 18.20
N TYR B 27 -9.43 -8.52 17.97
CA TYR B 27 -10.21 -9.68 17.52
C TYR B 27 -9.75 -10.31 16.22
N ARG B 28 -9.39 -9.48 15.23
CA ARG B 28 -9.16 -10.01 13.89
C ARG B 28 -7.93 -10.93 13.82
N LYS B 29 -7.04 -10.84 14.81
CA LYS B 29 -5.85 -11.68 14.85
C LYS B 29 -5.83 -12.67 16.02
N GLU B 30 -6.99 -12.87 16.63
CA GLU B 30 -7.08 -13.73 17.82
C GLU B 30 -7.01 -15.20 17.46
N ALA B 31 -5.90 -15.83 17.85
CA ALA B 31 -5.71 -17.27 17.69
C ALA B 31 -5.56 -17.70 16.24
N ILE B 32 -5.34 -16.76 15.33
CA ILE B 32 -5.15 -17.11 13.92
C ILE B 32 -3.71 -17.51 13.70
N LEU B 33 -3.44 -18.18 12.58
CA LEU B 33 -2.06 -18.47 12.20
C LEU B 33 -1.57 -17.25 11.43
N GLU B 34 -0.36 -16.79 11.70
CA GLU B 34 0.18 -15.66 10.95
C GLU B 34 1.65 -15.83 10.63
N VAL B 35 2.04 -15.39 9.44
CA VAL B 35 3.44 -15.33 9.06
C VAL B 35 4.02 -13.94 9.39
N ASP B 36 5.25 -13.93 9.89
CA ASP B 36 5.94 -12.68 10.19
C ASP B 36 6.55 -12.14 8.91
N ARG B 37 6.17 -10.92 8.55
CA ARG B 37 6.47 -10.35 7.24
C ARG B 37 7.57 -9.31 7.31
N THR B 38 8.14 -9.12 8.49
CA THR B 38 9.09 -8.04 8.73
C THR B 38 10.28 -8.13 7.80
N GLU B 39 10.87 -9.32 7.69
CA GLU B 39 12.02 -9.51 6.79
C GLU B 39 11.65 -9.38 5.31
N ALA B 40 10.39 -9.64 5.00
CA ALA B 40 9.87 -9.50 3.65
C ALA B 40 9.76 -8.01 3.31
N ARG B 41 9.14 -7.23 4.20
CA ARG B 41 9.07 -5.77 4.08
C ARG B 41 10.50 -5.21 4.01
N ARG B 42 11.36 -5.78 4.83
CA ARG B 42 12.75 -5.36 4.94
C ARG B 42 13.54 -5.57 3.64
N ALA B 43 13.32 -6.70 2.97
CA ALA B 43 14.02 -7.04 1.73
C ALA B 43 13.27 -6.55 0.48
N ARG B 44 12.12 -5.90 0.66
CA ARG B 44 11.37 -5.32 -0.46
C ARG B 44 11.93 -3.94 -0.78
N ARG B 45 11.95 -3.06 0.22
CA ARG B 45 12.47 -1.72 0.05
C ARG B 45 13.97 -1.75 -0.23
N GLU B 46 14.65 -2.78 0.28
CA GLU B 46 16.05 -3.03 -0.07
C GLU B 46 16.21 -3.30 -1.57
N GLY B 47 15.19 -3.84 -2.21
CA GLY B 47 15.27 -4.19 -3.63
C GLY B 47 15.94 -5.53 -3.82
N ASN B 48 15.72 -6.43 -2.88
CA ASN B 48 16.22 -7.80 -2.95
C ASN B 48 15.20 -8.67 -3.69
N LYS B 49 15.53 -9.03 -4.93
CA LYS B 49 14.65 -9.82 -5.77
C LYS B 49 14.92 -11.32 -5.65
N VAL B 50 16.03 -11.70 -5.00
CA VAL B 50 16.50 -13.10 -5.00
C VAL B 50 16.63 -13.77 -3.61
N GLY B 51 16.03 -13.15 -2.59
CA GLY B 51 16.13 -13.65 -1.21
C GLY B 51 15.10 -14.70 -0.79
N GLY B 52 14.14 -14.98 -1.66
CA GLY B 52 13.12 -16.01 -1.41
C GLY B 52 11.89 -15.51 -0.71
N HIS B 53 11.86 -14.21 -0.41
CA HIS B 53 10.73 -13.63 0.29
C HIS B 53 9.53 -13.52 -0.64
N PRO B 54 8.38 -14.08 -0.22
CA PRO B 54 7.14 -13.87 -0.97
C PRO B 54 6.72 -12.41 -1.11
N VAL B 55 6.09 -12.08 -2.24
CA VAL B 55 5.67 -10.70 -2.52
C VAL B 55 4.48 -10.28 -1.66
N SER B 56 3.79 -11.26 -1.09
CA SER B 56 2.66 -11.00 -0.20
C SER B 56 2.48 -12.20 0.74
N ARG B 57 1.52 -12.06 1.66
CA ARG B 57 1.16 -13.16 2.56
C ARG B 57 0.22 -14.19 1.93
N GLY B 58 -0.19 -13.96 0.68
CA GLY B 58 -1.05 -14.89 -0.05
C GLY B 58 -0.35 -16.19 -0.34
N THR B 59 0.96 -16.11 -0.50
CA THR B 59 1.78 -17.29 -0.74
C THR B 59 1.59 -18.32 0.36
N ALA B 60 1.68 -17.84 1.61
CA ALA B 60 1.51 -18.70 2.78
C ALA B 60 0.12 -19.35 2.82
N LYS B 61 -0.91 -18.63 2.40
CA LYS B 61 -2.26 -19.18 2.32
C LYS B 61 -2.34 -20.34 1.33
N LEU B 62 -1.84 -20.10 0.13
CA LEU B 62 -1.79 -21.13 -0.88
C LEU B 62 -0.91 -22.30 -0.44
N ARG B 63 0.17 -22.01 0.27
CA ARG B 63 1.03 -23.11 0.76
C ARG B 63 0.30 -24.01 1.75
N TRP B 64 -0.47 -23.41 2.65
CA TRP B 64 -1.25 -24.17 3.60
C TRP B 64 -2.15 -25.15 2.86
N LEU B 65 -2.72 -24.69 1.76
CA LEU B 65 -3.66 -25.47 0.95
C LEU B 65 -2.95 -26.56 0.14
N VAL B 66 -1.88 -26.18 -0.55
CA VAL B 66 -1.12 -27.14 -1.38
C VAL B 66 -0.54 -28.29 -0.57
N GLU B 67 -0.04 -27.99 0.63
CA GLU B 67 0.53 -29.00 1.53
C GLU B 67 -0.46 -30.08 1.94
N ARG B 68 -1.74 -29.72 1.99
CA ARG B 68 -2.81 -30.65 2.34
C ARG B 68 -3.50 -31.17 1.08
N ARG B 69 -2.83 -31.04 -0.05
CA ARG B 69 -3.34 -31.51 -1.33
C ARG B 69 -4.79 -31.10 -1.64
N PHE B 70 -5.24 -30.01 -1.04
CA PHE B 70 -6.52 -29.41 -1.43
C PHE B 70 -6.47 -28.85 -2.87
N VAL B 71 -5.26 -28.59 -3.36
CA VAL B 71 -5.03 -28.26 -4.77
C VAL B 71 -3.58 -28.60 -5.10
N GLN B 72 -3.34 -29.09 -6.31
CA GLN B 72 -2.00 -29.49 -6.77
C GLN B 72 -1.71 -28.86 -8.13
N PRO B 73 -1.11 -27.66 -8.14
CA PRO B 73 -0.90 -26.98 -9.41
C PRO B 73 -0.13 -27.81 -10.45
N ILE B 74 -0.55 -27.69 -11.71
CA ILE B 74 -0.03 -28.50 -12.80
C ILE B 74 -0.31 -27.83 -14.14
N GLY B 75 0.53 -28.12 -15.13
CA GLY B 75 0.36 -27.61 -16.50
C GLY B 75 0.36 -26.09 -16.58
N LYS B 76 -0.56 -25.54 -17.37
CA LYS B 76 -0.71 -24.10 -17.46
C LYS B 76 -1.57 -23.66 -16.30
N VAL B 77 -0.97 -22.89 -15.40
CA VAL B 77 -1.69 -22.29 -14.28
C VAL B 77 -2.13 -20.90 -14.69
N VAL B 78 -3.43 -20.63 -14.57
CA VAL B 78 -3.96 -19.27 -14.73
C VAL B 78 -4.33 -18.74 -13.34
N ASP B 79 -3.82 -17.54 -13.03
CA ASP B 79 -3.99 -16.91 -11.73
C ASP B 79 -4.80 -15.65 -11.93
N LEU B 80 -6.07 -15.72 -11.56
CA LEU B 80 -6.97 -14.61 -11.71
C LEU B 80 -6.89 -13.73 -10.47
N GLY B 81 -6.70 -12.43 -10.68
CA GLY B 81 -6.51 -11.49 -9.59
C GLY B 81 -5.16 -11.72 -8.93
N CYS B 82 -4.12 -11.80 -9.75
CA CYS B 82 -2.81 -12.20 -9.24
C CYS B 82 -2.22 -11.20 -8.23
N GLY B 83 -2.68 -9.95 -8.29
CA GLY B 83 -2.13 -8.86 -7.48
C GLY B 83 -0.62 -8.76 -7.67
N ARG B 84 0.09 -8.65 -6.55
CA ARG B 84 1.56 -8.58 -6.53
C ARG B 84 2.22 -9.87 -7.05
N GLY B 85 1.48 -10.98 -7.01
CA GLY B 85 1.90 -12.23 -7.64
C GLY B 85 2.23 -13.39 -6.71
N GLY B 86 1.79 -13.33 -5.45
CA GLY B 86 2.12 -14.35 -4.45
C GLY B 86 1.79 -15.80 -4.80
N TRP B 87 0.63 -15.99 -5.40
CA TRP B 87 0.22 -17.30 -5.88
C TRP B 87 0.96 -17.68 -7.16
N SER B 88 1.10 -16.72 -8.08
CA SER B 88 1.82 -16.96 -9.34
C SER B 88 3.25 -17.44 -9.08
N TYR B 89 3.99 -16.68 -8.29
CA TYR B 89 5.37 -17.00 -7.98
C TYR B 89 5.50 -18.33 -7.21
N TYR B 90 4.51 -18.63 -6.38
CA TYR B 90 4.51 -19.88 -5.63
C TYR B 90 4.26 -21.06 -6.57
N ALA B 91 3.20 -20.97 -7.36
CA ALA B 91 2.92 -22.00 -8.38
C ALA B 91 4.11 -22.31 -9.28
N ALA B 92 4.89 -21.28 -9.62
CA ALA B 92 6.03 -21.40 -10.54
C ALA B 92 7.20 -22.18 -9.97
N THR B 93 7.25 -22.38 -8.66
CA THR B 93 8.33 -23.14 -8.02
C THR B 93 8.14 -24.65 -8.14
N MET B 94 6.96 -25.08 -8.55
CA MET B 94 6.55 -26.46 -8.43
C MET B 94 6.81 -27.21 -9.70
N LYS B 95 7.40 -28.40 -9.55
CA LYS B 95 7.90 -29.18 -10.70
C LYS B 95 6.82 -29.55 -11.72
N ASN B 96 5.57 -29.71 -11.26
CA ASN B 96 4.48 -30.12 -12.17
C ASN B 96 3.92 -28.95 -13.00
N VAL B 97 4.24 -27.73 -12.58
CA VAL B 97 3.82 -26.52 -13.27
C VAL B 97 4.80 -26.21 -14.39
N GLN B 98 4.25 -25.94 -15.58
CA GLN B 98 5.06 -25.63 -16.78
C GLN B 98 4.96 -24.16 -17.18
N GLU B 99 3.86 -23.49 -16.80
CA GLU B 99 3.61 -22.09 -17.16
C GLU B 99 2.65 -21.42 -16.16
N VAL B 100 2.95 -20.18 -15.77
CA VAL B 100 2.05 -19.38 -14.95
C VAL B 100 1.72 -18.09 -15.71
N ARG B 101 0.42 -17.91 -15.94
CA ARG B 101 -0.13 -16.68 -16.50
C ARG B 101 -1.02 -16.05 -15.44
N GLY B 102 -0.70 -14.82 -15.05
CA GLY B 102 -1.49 -14.09 -14.05
C GLY B 102 -2.16 -12.88 -14.65
N TYR B 103 -3.39 -12.60 -14.21
CA TYR B 103 -4.10 -11.38 -14.60
C TYR B 103 -4.57 -10.63 -13.37
N THR B 104 -4.40 -9.30 -13.42
CA THR B 104 -4.82 -8.41 -12.36
C THR B 104 -5.21 -7.05 -12.94
N LYS B 105 -6.02 -6.31 -12.19
CA LYS B 105 -6.60 -5.04 -12.64
C LYS B 105 -5.59 -3.93 -12.49
N GLY B 106 -4.93 -3.88 -11.34
CA GLY B 106 -3.93 -2.86 -11.11
C GLY B 106 -4.55 -1.47 -11.15
N GLY B 107 -3.72 -0.46 -11.39
CA GLY B 107 -4.19 0.92 -11.39
C GLY B 107 -4.33 1.43 -9.96
N PRO B 108 -4.82 2.67 -9.81
CA PRO B 108 -4.99 3.32 -8.51
C PRO B 108 -5.75 2.50 -7.47
N GLY B 109 -5.14 2.36 -6.29
CA GLY B 109 -5.74 1.65 -5.16
C GLY B 109 -5.69 0.14 -5.23
N HIS B 110 -5.08 -0.40 -6.30
CA HIS B 110 -5.01 -1.87 -6.51
C HIS B 110 -3.56 -2.23 -6.76
N GLU B 111 -3.18 -3.43 -6.35
CA GLU B 111 -1.80 -3.88 -6.47
C GLU B 111 -1.48 -4.30 -7.90
N GLU B 112 -0.24 -4.04 -8.32
CA GLU B 112 0.25 -4.45 -9.64
C GLU B 112 1.29 -5.56 -9.44
N PRO B 113 1.52 -6.37 -10.49
CA PRO B 113 2.54 -7.42 -10.41
C PRO B 113 3.92 -6.88 -10.07
N MET B 114 4.48 -7.45 -9.00
CA MET B 114 5.80 -7.10 -8.51
C MET B 114 6.78 -8.05 -9.18
N LEU B 115 7.94 -7.53 -9.57
CA LEU B 115 8.99 -8.36 -10.18
C LEU B 115 9.84 -8.98 -9.08
N MET B 116 9.87 -10.32 -9.03
CA MET B 116 10.73 -11.07 -8.10
C MET B 116 11.48 -12.16 -8.88
N GLN B 117 12.62 -12.59 -8.35
CA GLN B 117 13.44 -13.63 -9.00
C GLN B 117 13.55 -14.87 -8.12
N SER B 118 12.38 -15.32 -7.67
CA SER B 118 12.22 -16.54 -6.90
C SER B 118 12.32 -17.73 -7.83
N TYR B 119 12.46 -18.93 -7.28
CA TYR B 119 12.71 -20.11 -8.11
C TYR B 119 11.62 -20.32 -9.16
N GLY B 120 12.02 -20.45 -10.41
CA GLY B 120 11.09 -20.64 -11.54
C GLY B 120 10.37 -19.37 -12.00
N TRP B 121 10.87 -18.20 -11.61
CA TRP B 121 10.23 -16.92 -11.93
C TRP B 121 10.09 -16.68 -13.43
N ASN B 122 11.01 -17.25 -14.19
CA ASN B 122 11.03 -17.08 -15.64
C ASN B 122 9.84 -17.69 -16.41
N ILE B 123 9.01 -18.51 -15.75
CA ILE B 123 7.82 -19.08 -16.41
C ILE B 123 6.53 -18.33 -16.02
N VAL B 124 6.70 -17.21 -15.33
CA VAL B 124 5.60 -16.34 -14.93
C VAL B 124 5.44 -15.18 -15.90
N THR B 125 4.22 -15.00 -16.40
CA THR B 125 3.83 -13.83 -17.18
C THR B 125 2.58 -13.27 -16.51
N MET B 126 2.70 -12.12 -15.88
CA MET B 126 1.58 -11.45 -15.25
C MET B 126 1.26 -10.16 -16.03
N LYS B 127 -0.02 -9.94 -16.29
CA LYS B 127 -0.45 -8.75 -17.01
C LYS B 127 -1.40 -7.94 -16.15
N SER B 128 -1.08 -6.64 -16.02
CA SER B 128 -1.92 -5.71 -15.30
C SER B 128 -2.87 -4.98 -16.25
N GLY B 129 -3.81 -4.24 -15.66
CA GLY B 129 -4.84 -3.54 -16.43
C GLY B 129 -5.85 -4.47 -17.08
N VAL B 130 -6.11 -5.60 -16.44
CA VAL B 130 -7.03 -6.60 -16.97
C VAL B 130 -8.18 -6.83 -15.96
N ASP B 131 -9.38 -6.36 -16.30
CA ASP B 131 -10.58 -6.66 -15.51
C ASP B 131 -11.08 -8.03 -15.95
N VAL B 132 -10.81 -9.04 -15.13
CA VAL B 132 -11.14 -10.41 -15.48
C VAL B 132 -12.63 -10.67 -15.79
N PHE B 133 -13.52 -9.85 -15.25
CA PHE B 133 -14.97 -10.00 -15.52
C PHE B 133 -15.32 -9.82 -16.99
N TYR B 134 -14.46 -9.13 -17.74
CA TYR B 134 -14.70 -8.86 -19.15
C TYR B 134 -13.60 -9.48 -20.03
N LYS B 135 -12.79 -10.36 -19.44
CA LYS B 135 -11.76 -11.12 -20.16
C LYS B 135 -12.37 -12.41 -20.71
N PRO B 136 -12.33 -12.60 -22.04
CA PRO B 136 -12.73 -13.89 -22.55
C PRO B 136 -11.89 -15.02 -21.93
N SER B 137 -12.57 -16.05 -21.44
CA SER B 137 -11.93 -17.18 -20.78
C SER B 137 -10.95 -17.90 -21.69
N GLU B 138 -9.99 -18.56 -21.06
CA GLU B 138 -8.96 -19.28 -21.76
C GLU B 138 -8.82 -20.64 -21.12
N ILE B 139 -8.23 -21.55 -21.88
CA ILE B 139 -7.98 -22.90 -21.42
C ILE B 139 -6.82 -22.91 -20.42
N SER B 140 -6.98 -23.67 -19.35
CA SER B 140 -5.92 -23.92 -18.39
C SER B 140 -6.07 -25.30 -17.80
N ASP B 141 -5.00 -25.74 -17.13
CA ASP B 141 -4.98 -27.00 -16.39
C ASP B 141 -5.20 -26.76 -14.89
N THR B 142 -4.81 -25.59 -14.42
CA THR B 142 -5.02 -25.17 -13.04
C THR B 142 -5.58 -23.77 -13.02
N LEU B 143 -6.74 -23.59 -12.40
CA LEU B 143 -7.37 -22.28 -12.27
C LEU B 143 -7.29 -21.77 -10.84
N LEU B 144 -6.59 -20.64 -10.68
CA LEU B 144 -6.44 -19.99 -9.40
C LEU B 144 -7.15 -18.65 -9.52
N CYS B 145 -7.91 -18.31 -8.50
CA CYS B 145 -8.63 -17.04 -8.44
C CYS B 145 -8.72 -16.52 -7.01
N ASP B 146 -8.09 -15.37 -6.72
CA ASP B 146 -8.03 -14.87 -5.32
C ASP B 146 -8.68 -13.49 -5.19
N ILE B 147 -9.91 -13.38 -5.67
CA ILE B 147 -10.59 -12.09 -5.75
C ILE B 147 -11.80 -12.01 -4.81
N GLY B 148 -11.93 -10.86 -4.16
CA GLY B 148 -13.12 -10.53 -3.37
C GLY B 148 -12.86 -9.32 -2.51
N GLU B 149 -13.50 -8.18 -2.84
CA GLU B 149 -13.32 -6.98 -2.04
C GLU B 149 -14.37 -6.93 -0.93
N SER B 150 -13.87 -6.79 0.29
CA SER B 150 -14.74 -6.84 1.46
C SER B 150 -15.62 -5.61 1.51
N SER B 151 -16.70 -5.71 2.27
CA SER B 151 -17.61 -4.61 2.48
C SER B 151 -18.25 -4.83 3.84
N PRO B 152 -18.56 -3.74 4.57
CA PRO B 152 -19.28 -3.95 5.83
C PRO B 152 -20.67 -4.54 5.60
N SER B 153 -21.16 -4.43 4.36
CA SER B 153 -22.48 -4.97 3.95
C SER B 153 -22.41 -6.41 3.44
N ALA B 154 -23.04 -7.33 4.19
CA ALA B 154 -23.09 -8.75 3.81
C ALA B 154 -23.79 -8.95 2.46
N GLU B 155 -24.76 -8.11 2.16
CA GLU B 155 -25.49 -8.15 0.90
C GLU B 155 -24.59 -7.76 -0.29
N ILE B 156 -23.77 -6.73 -0.09
CA ILE B 156 -22.81 -6.32 -1.12
C ILE B 156 -21.74 -7.38 -1.37
N GLU B 157 -21.24 -7.99 -0.29
CA GLU B 157 -20.29 -9.11 -0.43
C GLU B 157 -20.90 -10.34 -1.11
N GLU B 158 -22.17 -10.61 -0.83
CA GLU B 158 -22.93 -11.64 -1.51
C GLU B 158 -22.93 -11.40 -3.03
N GLN B 159 -23.36 -10.22 -3.44
CA GLN B 159 -23.44 -9.88 -4.87
C GLN B 159 -22.07 -9.92 -5.52
N ARG B 160 -21.07 -9.42 -4.81
CA ARG B 160 -19.71 -9.52 -5.27
C ARG B 160 -19.30 -10.97 -5.43
N THR B 161 -19.66 -11.80 -4.46
CA THR B 161 -19.29 -13.23 -4.52
C THR B 161 -19.98 -13.92 -5.71
N LEU B 162 -21.26 -13.63 -5.93
CA LEU B 162 -22.01 -14.31 -6.97
C LEU B 162 -21.44 -13.93 -8.32
N ARG B 163 -21.04 -12.66 -8.43
CA ARG B 163 -20.43 -12.14 -9.64
C ARG B 163 -19.12 -12.87 -9.96
N ILE B 164 -18.30 -13.06 -8.93
CA ILE B 164 -17.06 -13.84 -9.06
C ILE B 164 -17.34 -15.27 -9.50
N LEU B 165 -18.40 -15.86 -8.97
CA LEU B 165 -18.75 -17.24 -9.31
C LEU B 165 -19.21 -17.40 -10.76
N GLU B 166 -19.96 -16.43 -11.28
CA GLU B 166 -20.35 -16.43 -12.70
C GLU B 166 -19.13 -16.57 -13.59
N MET B 167 -18.12 -15.74 -13.31
CA MET B 167 -16.94 -15.69 -14.16
C MET B 167 -16.04 -16.92 -13.97
N VAL B 168 -15.92 -17.44 -12.75
CA VAL B 168 -15.07 -18.62 -12.56
C VAL B 168 -15.67 -19.83 -13.27
N SER B 169 -16.99 -19.92 -13.27
CA SER B 169 -17.69 -20.98 -13.99
C SER B 169 -17.24 -21.02 -15.43
N ASP B 170 -17.12 -19.83 -16.04
CA ASP B 170 -16.71 -19.74 -17.42
C ASP B 170 -15.33 -20.36 -17.63
N TRP B 171 -14.40 -20.04 -16.74
CA TRP B 171 -13.03 -20.54 -16.82
C TRP B 171 -12.95 -22.02 -16.50
N LEU B 172 -13.74 -22.46 -15.53
CA LEU B 172 -13.80 -23.90 -15.18
C LEU B 172 -14.37 -24.73 -16.33
N SER B 173 -15.32 -24.15 -17.06
CA SER B 173 -15.95 -24.82 -18.19
C SER B 173 -14.94 -25.13 -19.29
N ARG B 174 -13.76 -24.53 -19.22
CA ARG B 174 -12.69 -24.80 -20.21
C ARG B 174 -11.79 -26.00 -19.84
N GLY B 175 -12.09 -26.71 -18.76
CA GLY B 175 -11.40 -27.98 -18.45
C GLY B 175 -10.39 -28.12 -17.29
N PRO B 176 -10.02 -27.03 -16.58
CA PRO B 176 -9.04 -27.29 -15.51
C PRO B 176 -9.64 -28.16 -14.39
N LYS B 177 -8.95 -29.24 -14.05
CA LYS B 177 -9.41 -30.14 -12.99
C LYS B 177 -8.81 -29.79 -11.62
N GLU B 178 -7.76 -28.96 -11.63
CA GLU B 178 -7.20 -28.39 -10.40
C GLU B 178 -7.68 -26.93 -10.26
N PHE B 179 -8.28 -26.60 -9.13
CA PHE B 179 -8.74 -25.24 -8.91
C PHE B 179 -8.71 -24.80 -7.44
N CYS B 180 -8.58 -23.49 -7.25
CA CYS B 180 -8.56 -22.85 -5.94
C CYS B 180 -9.16 -21.44 -6.06
N ILE B 181 -10.39 -21.28 -5.56
CA ILE B 181 -11.16 -20.05 -5.77
C ILE B 181 -11.65 -19.47 -4.46
N LYS B 182 -11.17 -18.28 -4.13
CA LYS B 182 -11.57 -17.58 -2.92
C LYS B 182 -13.07 -17.29 -2.97
N ILE B 183 -13.78 -17.72 -1.93
CA ILE B 183 -15.19 -17.38 -1.74
C ILE B 183 -15.25 -16.34 -0.62
N LEU B 184 -15.50 -15.09 -1.01
CA LEU B 184 -15.51 -13.96 -0.07
C LEU B 184 -16.54 -14.14 1.05
N CYS B 185 -17.75 -14.46 0.65
CA CYS B 185 -18.88 -14.49 1.58
C CYS B 185 -19.71 -15.76 1.37
N PRO B 186 -19.25 -16.88 1.94
CA PRO B 186 -19.86 -18.19 1.70
C PRO B 186 -21.09 -18.54 2.55
N TYR B 187 -21.57 -17.62 3.38
CA TYR B 187 -22.63 -17.93 4.35
C TYR B 187 -24.01 -17.36 3.95
N MET B 188 -24.07 -16.64 2.84
CA MET B 188 -25.35 -16.11 2.42
C MET B 188 -26.05 -17.17 1.56
N PRO B 189 -27.39 -17.30 1.71
CA PRO B 189 -28.14 -18.38 1.09
C PRO B 189 -27.92 -18.48 -0.41
N LYS B 190 -27.90 -17.34 -1.10
CA LYS B 190 -27.79 -17.34 -2.55
C LYS B 190 -26.42 -17.82 -2.99
N VAL B 191 -25.41 -17.57 -2.15
CA VAL B 191 -24.05 -17.98 -2.45
C VAL B 191 -23.97 -19.50 -2.25
N ILE B 192 -24.47 -19.97 -1.11
CA ILE B 192 -24.49 -21.40 -0.80
C ILE B 192 -25.20 -22.19 -1.89
N GLU B 193 -26.37 -21.71 -2.26
CA GLU B 193 -27.14 -22.27 -3.35
C GLU B 193 -26.29 -22.40 -4.63
N LYS B 194 -25.72 -21.29 -5.08
CA LYS B 194 -24.87 -21.27 -6.29
C LYS B 194 -23.62 -22.17 -6.15
N LEU B 195 -23.05 -22.20 -4.94
CA LEU B 195 -21.93 -23.09 -4.62
C LEU B 195 -22.27 -24.56 -4.78
N GLU B 196 -23.44 -24.96 -4.29
CA GLU B 196 -23.90 -26.35 -4.39
C GLU B 196 -24.07 -26.77 -5.86
N SER B 197 -24.62 -25.89 -6.70
CA SER B 197 -24.80 -26.19 -8.12
C SER B 197 -23.47 -26.40 -8.85
N LEU B 198 -22.50 -25.56 -8.49
CA LEU B 198 -21.19 -25.60 -9.09
C LEU B 198 -20.38 -26.76 -8.56
N GLN B 199 -20.67 -27.17 -7.32
CA GLN B 199 -20.08 -28.35 -6.72
C GLN B 199 -20.54 -29.60 -7.42
N ARG B 200 -21.85 -29.72 -7.59
CA ARG B 200 -22.39 -30.85 -8.34
C ARG B 200 -21.69 -31.01 -9.68
N ARG B 201 -21.40 -29.89 -10.34
CA ARG B 201 -20.85 -29.94 -11.69
C ARG B 201 -19.34 -30.11 -11.68
N PHE B 202 -18.67 -29.30 -10.88
CA PHE B 202 -17.21 -29.20 -10.94
C PHE B 202 -16.51 -29.90 -9.79
N GLY B 203 -17.29 -30.39 -8.82
CA GLY B 203 -16.75 -31.02 -7.61
C GLY B 203 -16.04 -30.01 -6.71
N GLY B 204 -15.24 -30.56 -5.80
CA GLY B 204 -14.48 -29.76 -4.86
C GLY B 204 -15.24 -29.56 -3.56
N GLY B 205 -14.66 -28.71 -2.72
CA GLY B 205 -15.30 -28.30 -1.48
C GLY B 205 -14.73 -26.99 -0.97
N LEU B 206 -15.34 -26.51 0.10
CA LEU B 206 -14.96 -25.25 0.75
C LEU B 206 -14.10 -25.53 1.98
N VAL B 207 -13.01 -24.77 2.10
CA VAL B 207 -12.03 -24.95 3.18
C VAL B 207 -11.63 -23.61 3.77
N ARG B 208 -11.58 -23.56 5.10
CA ARG B 208 -11.09 -22.38 5.81
C ARG B 208 -9.58 -22.56 6.07
N VAL B 209 -8.78 -21.60 5.59
CA VAL B 209 -7.34 -21.52 5.89
C VAL B 209 -7.17 -20.71 7.19
N PRO B 210 -6.42 -21.26 8.19
CA PRO B 210 -6.28 -20.57 9.48
C PRO B 210 -5.42 -19.29 9.43
N LEU B 211 -4.81 -19.02 8.28
CA LEU B 211 -4.12 -17.74 8.04
C LEU B 211 -5.10 -16.60 7.78
N SER B 212 -6.35 -16.93 7.47
CA SER B 212 -7.32 -15.88 7.25
C SER B 212 -7.63 -15.20 8.58
N ARG B 213 -7.77 -13.88 8.55
CA ARG B 213 -8.09 -13.08 9.73
C ARG B 213 -9.55 -13.24 10.10
N ASN B 214 -9.84 -13.09 11.39
CA ASN B 214 -11.18 -13.30 11.93
C ASN B 214 -12.14 -12.22 11.48
N SER B 215 -11.59 -11.13 10.95
CA SER B 215 -12.41 -10.06 10.38
C SER B 215 -12.99 -10.43 9.01
N ASN B 216 -12.65 -11.62 8.52
CA ASN B 216 -13.23 -12.10 7.25
C ASN B 216 -13.68 -13.57 7.37
N HIS B 217 -14.65 -13.95 6.54
CA HIS B 217 -15.23 -15.30 6.54
C HIS B 217 -14.82 -16.03 5.25
N GLU B 218 -13.82 -15.50 4.54
CA GLU B 218 -13.37 -16.07 3.27
C GLU B 218 -13.02 -17.54 3.42
N MET B 219 -13.49 -18.35 2.46
CA MET B 219 -13.11 -19.75 2.39
C MET B 219 -12.75 -20.02 0.94
N TYR B 220 -12.01 -21.10 0.72
CA TYR B 220 -11.49 -21.42 -0.60
C TYR B 220 -12.18 -22.62 -1.19
N TRP B 221 -12.73 -22.43 -2.38
CA TRP B 221 -13.34 -23.52 -3.11
C TRP B 221 -12.22 -24.18 -3.89
N VAL B 222 -11.90 -25.40 -3.47
CA VAL B 222 -10.73 -26.14 -3.95
C VAL B 222 -11.10 -27.52 -4.49
N SER B 223 -10.38 -27.93 -5.52
CA SER B 223 -10.66 -29.17 -6.23
C SER B 223 -10.35 -30.42 -5.39
N GLY B 224 -9.43 -30.31 -4.44
CA GLY B 224 -9.03 -31.47 -3.64
C GLY B 224 -9.83 -31.68 -2.39
N ALA B 225 -10.87 -30.87 -2.18
CA ALA B 225 -11.75 -31.02 -1.03
C ALA B 225 -13.06 -31.64 -1.44
N SER B 226 -13.86 -32.04 -0.45
CA SER B 226 -15.18 -32.60 -0.68
C SER B 226 -16.08 -32.46 0.55
N GLY B 227 -17.37 -32.70 0.35
CA GLY B 227 -18.31 -32.69 1.46
C GLY B 227 -19.28 -31.53 1.46
N ASN B 228 -20.12 -31.54 2.49
CA ASN B 228 -21.25 -30.65 2.61
C ASN B 228 -20.81 -29.21 2.84
N ILE B 229 -21.16 -28.33 1.90
CA ILE B 229 -20.77 -26.92 1.96
C ILE B 229 -21.35 -26.24 3.21
N VAL B 230 -22.65 -26.40 3.43
CA VAL B 230 -23.33 -25.76 4.56
C VAL B 230 -22.63 -26.07 5.89
N HIS B 231 -22.25 -27.31 6.08
CA HIS B 231 -21.66 -27.76 7.33
C HIS B 231 -20.31 -27.09 7.56
N ALA B 232 -19.51 -27.04 6.50
CA ALA B 232 -18.18 -26.45 6.61
C ALA B 232 -18.29 -24.94 6.85
N VAL B 233 -19.26 -24.32 6.20
CA VAL B 233 -19.49 -22.88 6.34
C VAL B 233 -19.97 -22.56 7.76
N ASN B 234 -20.88 -23.38 8.28
CA ASN B 234 -21.38 -23.22 9.64
C ASN B 234 -20.30 -23.47 10.71
N MET B 235 -19.51 -24.51 10.50
CA MET B 235 -18.37 -24.83 11.35
C MET B 235 -17.41 -23.64 11.51
N THR B 236 -17.04 -23.04 10.38
CA THR B 236 -16.17 -21.86 10.35
C THR B 236 -16.81 -20.72 11.12
N SER B 237 -18.10 -20.49 10.87
CA SER B 237 -18.87 -19.45 11.56
C SER B 237 -18.81 -19.59 13.07
N GLN B 238 -18.94 -20.83 13.56
CA GLN B 238 -18.92 -21.07 15.00
C GLN B 238 -17.55 -20.71 15.59
N VAL B 239 -16.50 -20.99 14.83
CA VAL B 239 -15.13 -20.72 15.28
C VAL B 239 -14.90 -19.21 15.40
N LEU B 240 -15.32 -18.46 14.39
CA LEU B 240 -15.17 -17.01 14.42
C LEU B 240 -16.01 -16.37 15.55
N ILE B 241 -17.22 -16.85 15.76
CA ILE B 241 -18.05 -16.34 16.85
C ILE B 241 -17.45 -16.70 18.20
N GLY B 242 -16.93 -17.91 18.33
CA GLY B 242 -16.31 -18.37 19.58
C GLY B 242 -15.07 -17.59 20.00
N ARG B 243 -14.44 -16.91 19.05
CA ARG B 243 -13.27 -16.08 19.33
C ARG B 243 -13.63 -14.66 19.81
N MET B 244 -14.91 -14.31 19.73
CA MET B 244 -15.38 -13.00 20.19
C MET B 244 -15.52 -12.92 21.72
N ASP B 245 -15.85 -11.73 22.20
CA ASP B 245 -16.20 -11.43 23.59
C ASP B 245 -15.13 -11.78 24.62
N LYS B 246 -13.87 -11.56 24.26
CA LYS B 246 -12.75 -11.79 25.16
C LYS B 246 -12.37 -10.49 25.86
N LYS B 247 -11.97 -10.61 27.12
CA LYS B 247 -11.51 -9.48 27.92
C LYS B 247 -9.99 -9.37 27.84
N ILE B 248 -9.34 -10.55 27.80
CA ILE B 248 -7.91 -10.67 27.54
C ILE B 248 -7.70 -11.33 26.17
N TRP B 249 -6.96 -10.65 25.30
CA TRP B 249 -6.64 -11.15 23.98
C TRP B 249 -5.25 -11.75 23.97
N LYS B 250 -5.12 -13.00 23.53
CA LYS B 250 -3.82 -13.65 23.57
C LYS B 250 -3.11 -13.66 22.23
N GLY B 251 -3.74 -13.07 21.19
CA GLY B 251 -3.07 -12.82 19.93
C GLY B 251 -2.96 -14.04 19.04
N PRO B 252 -2.28 -13.90 17.88
CA PRO B 252 -2.16 -14.98 16.93
C PRO B 252 -1.00 -15.93 17.23
N LYS B 253 -0.98 -17.05 16.52
CA LYS B 253 0.18 -17.94 16.49
C LYS B 253 1.00 -17.58 15.26
N TYR B 254 2.31 -17.40 15.44
CA TYR B 254 3.21 -17.06 14.35
C TYR B 254 3.92 -18.27 13.80
N GLU B 255 4.22 -18.22 12.51
CA GLU B 255 5.00 -19.26 11.85
C GLU B 255 5.92 -18.62 10.81
N GLU B 256 6.95 -19.37 10.42
CA GLU B 256 7.88 -18.91 9.39
C GLU B 256 7.19 -18.83 8.04
N ASP B 257 7.44 -17.74 7.33
CA ASP B 257 7.00 -17.56 5.95
C ASP B 257 7.66 -18.58 5.01
N VAL B 258 7.06 -18.74 3.84
CA VAL B 258 7.63 -19.58 2.78
C VAL B 258 8.93 -18.95 2.24
N ASN B 259 9.90 -19.80 1.96
CA ASN B 259 11.12 -19.37 1.27
C ASN B 259 11.02 -19.86 -0.16
N LEU B 260 10.80 -18.94 -1.09
CA LEU B 260 10.62 -19.31 -2.50
C LEU B 260 11.94 -19.56 -3.22
N GLY B 261 13.06 -19.26 -2.58
CA GLY B 261 14.35 -19.48 -3.17
C GLY B 261 14.58 -18.50 -4.30
N SER B 262 15.40 -18.91 -5.26
CA SER B 262 15.73 -18.07 -6.39
C SER B 262 16.15 -18.93 -7.58
N GLY B 263 16.48 -18.26 -8.68
CA GLY B 263 16.97 -18.94 -9.88
C GLY B 263 15.86 -19.25 -10.87
N THR B 264 16.27 -19.79 -12.01
CA THR B 264 15.36 -20.11 -13.10
C THR B 264 15.14 -21.62 -13.18
N ARG B 265 14.19 -22.03 -14.00
CA ARG B 265 14.00 -23.46 -14.26
C ARG B 265 13.75 -23.71 -15.75
N ALA B 266 14.22 -24.85 -16.24
CA ALA B 266 13.97 -25.24 -17.62
C ALA B 266 12.55 -25.77 -17.76
N VAL B 267 12.01 -25.74 -18.98
CA VAL B 267 10.66 -26.26 -19.24
C VAL B 267 10.64 -27.14 -20.48
PG GTP C . 5.74 4.11 6.40
O1G GTP C . 5.07 4.17 7.75
O2G GTP C . 6.16 2.70 6.02
O3G GTP C . 4.97 4.80 5.30
O3B GTP C . 7.16 4.92 6.50
PB GTP C . 7.62 6.14 7.49
O1B GTP C . 7.47 7.46 6.75
O2B GTP C . 6.96 6.00 8.85
O3A GTP C . 9.21 5.88 7.70
PA GTP C . 9.95 4.47 7.41
O1A GTP C . 9.13 3.36 8.02
O2A GTP C . 10.28 4.43 5.93
O5' GTP C . 11.30 4.52 8.28
C5' GTP C . 12.49 5.19 7.84
C4' GTP C . 13.72 4.70 8.59
O4' GTP C . 13.43 4.15 9.89
C3' GTP C . 14.46 3.60 7.85
O3' GTP C . 15.28 4.11 6.79
C2' GTP C . 15.25 2.96 8.96
O2' GTP C . 16.48 3.66 9.20
C1' GTP C . 14.35 3.09 10.18
N9 GTP C . 13.58 1.85 10.43
C8 GTP C . 12.62 1.35 9.63
N7 GTP C . 12.10 0.20 10.17
C5 GTP C . 12.75 -0.04 11.32
C6 GTP C . 12.68 -1.09 12.39
O6 GTP C . 11.89 -2.06 12.35
N1 GTP C . 13.52 -0.95 13.44
C2 GTP C . 14.39 0.07 13.55
N2 GTP C . 15.17 0.07 14.64
N3 GTP C . 14.51 1.06 12.61
C4 GTP C . 13.72 1.06 11.50
N SAH D . 2.97 14.97 -1.98
CA SAH D . 2.31 13.67 -2.27
CB SAH D . 3.19 12.53 -1.80
CG SAH D . 3.90 11.84 -2.96
SD SAH D . 4.92 10.57 -2.25
C SAH D . 0.96 13.60 -1.59
O SAH D . 0.57 14.55 -0.91
OXT SAH D . 0.26 12.61 -1.71
C5' SAH D . 6.29 10.83 -3.38
C4' SAH D . 6.09 10.11 -4.69
O4' SAH D . 7.20 10.39 -5.52
C3' SAH D . 6.00 8.58 -4.57
O3' SAH D . 4.69 8.09 -4.74
C2' SAH D . 6.89 8.04 -5.68
O2' SAH D . 6.22 7.15 -6.54
C1' SAH D . 7.27 9.30 -6.43
N9 SAH D . 8.58 9.11 -7.04
C8 SAH D . 9.70 8.52 -6.50
N7 SAH D . 10.67 8.58 -7.45
C5 SAH D . 10.18 9.17 -8.56
C6 SAH D . 10.73 9.49 -9.79
N6 SAH D . 12.00 9.18 -10.06
N1 SAH D . 9.97 10.13 -10.73
C2 SAH D . 8.66 10.47 -10.45
N3 SAH D . 8.12 10.16 -9.23
C4 SAH D . 8.87 9.53 -8.31
PG GTP E . -7.03 -5.35 5.40
O1G GTP E . -6.82 -4.72 6.75
O2G GTP E . -7.89 -4.52 4.45
O3G GTP E . -5.76 -5.84 4.74
O3B GTP E . -7.91 -6.71 5.65
PB GTP E . -8.74 -7.17 6.98
O1B GTP E . -9.41 -8.49 6.64
O2B GTP E . -7.85 -7.11 8.20
O3A GTP E . -9.92 -6.07 7.17
PA GTP E . -10.87 -5.63 5.94
O1A GTP E . -10.53 -4.19 5.61
O2A GTP E . -10.89 -6.66 4.84
O5' GTP E . -12.31 -5.65 6.65
C5' GTP E . -13.16 -6.79 6.56
C4' GTP E . -14.43 -6.46 7.34
O4' GTP E . -14.13 -6.08 8.69
C3' GTP E . -15.23 -5.29 6.78
O3' GTP E . -16.03 -5.62 5.64
C2' GTP E . -16.02 -4.84 7.97
O2' GTP E . -17.16 -5.68 8.16
C1' GTP E . -15.05 -5.07 9.11
N9 GTP E . -14.28 -3.86 9.49
C8 GTP E . -13.31 -3.23 8.79
N7 GTP E . -12.83 -2.16 9.47
C5 GTP E . -13.48 -2.09 10.65
C6 GTP E . -13.47 -1.23 11.87
O6 GTP E . -12.70 -0.25 11.97
N1 GTP E . -14.32 -1.53 12.87
C2 GTP E . -15.18 -2.58 12.81
N2 GTP E . -16.00 -2.81 13.86
N3 GTP E . -15.24 -3.41 11.73
C4 GTP E . -14.44 -3.22 10.65
N SAH F . -3.37 -14.27 -4.36
CA SAH F . -2.70 -12.93 -4.41
CB SAH F . -3.56 -11.89 -3.70
CG SAH F . -4.20 -10.94 -4.71
SD SAH F . -5.30 -9.79 -3.89
C SAH F . -1.29 -12.96 -3.81
O SAH F . -0.83 -14.00 -3.35
OXT SAH F . -0.56 -11.96 -3.81
C5' SAH F . -6.60 -9.92 -5.15
C4' SAH F . -6.33 -9.01 -6.34
O4' SAH F . -7.36 -9.10 -7.32
C3' SAH F . -6.19 -7.56 -5.92
O3' SAH F . -4.88 -7.13 -6.24
C2' SAH F . -7.24 -6.83 -6.74
O2' SAH F . -6.75 -5.61 -7.21
C1' SAH F . -7.51 -7.81 -7.89
N9 SAH F . -8.82 -7.65 -8.55
C8 SAH F . -10.03 -7.32 -7.99
N7 SAH F . -10.96 -7.29 -8.98
C5 SAH F . -10.37 -7.59 -10.16
C6 SAH F . -10.85 -7.70 -11.48
N6 SAH F . -12.14 -7.50 -11.80
N1 SAH F . -9.96 -8.06 -12.47
C2 SAH F . -8.62 -8.30 -12.19
N3 SAH F . -8.16 -8.19 -10.89
C4 SAH F . -9.02 -7.83 -9.89
#